data_4WF2
#
_entry.id   4WF2
#
_cell.length_a   46.239
_cell.length_b   46.239
_cell.length_c   157.107
_cell.angle_alpha   90.00
_cell.angle_beta   90.00
_cell.angle_gamma   90.00
#
_symmetry.space_group_name_H-M   'P 43'
#
loop_
_entity.id
_entity.type
_entity.pdbx_description
1 polymer 'Bifunctional ligase/repressor BirA'
2 non-polymer '((2R,3S,4R,5R)-5-(6-AMINO-9H-PURIN-9-YL)-3,4-DIHYDROXY-TETRAHYDROFURAN-2-YL)METHYL 5-((3AS,4S,6AR)-2-OXO-HEXAHYDRO-1H-THIENO[3,4-D]IMIDAZOL-4-YL)PENTYL HYDROGEN PHOSPHATE'
3 water water
#
_entity_poly.entity_id   1
_entity_poly.type   'polypeptide(L)'
_entity_poly.pdbx_seq_one_letter_code
;MKDNTVPLKLIALLANGEFHSGEQLGETLGMSRAAINKHIQTLRDWGVDVFTVPGKGYSLPEPIQLLNAKQILGQLDGGS
VAVLPVIDSTNQYLLDRIGELKSGDACIAEYQQAGRGRRGRKWFSPFGANLYLSMFWRLEQAPAAAIGLSLVIGIVMAEV
LRKLGADKVRVKWPNDLYLQDRKLAGILVELTGKTGDAAQIVIGAGINMAMRRVEESVVNQGWITLQEAGINLDRNTLAA
MLIRELRAALELFEQEGLAPYLSRWEKLDNFINRPVKLIIGDKEIFGISRGIDKQGALLLEQDGIIKPWMGGEISLRSAE
KHHHHHH
;
_entity_poly.pdbx_strand_id   A
#
# COMPACT_ATOMS: atom_id res chain seq x y z
N ASP A 3 -23.43 5.89 -9.11
CA ASP A 3 -23.53 4.43 -9.10
C ASP A 3 -22.49 3.83 -10.04
N ASN A 4 -21.73 2.86 -9.51
CA ASN A 4 -20.54 2.37 -10.21
C ASN A 4 -20.68 0.96 -10.80
N THR A 5 -21.90 0.40 -10.77
CA THR A 5 -22.09 -0.98 -11.21
C THR A 5 -21.79 -1.19 -12.70
N VAL A 6 -22.15 -0.22 -13.54
CA VAL A 6 -22.01 -0.41 -14.98
C VAL A 6 -20.55 -0.29 -15.43
N PRO A 7 -19.82 0.73 -14.95
CA PRO A 7 -18.39 0.73 -15.28
C PRO A 7 -17.66 -0.49 -14.73
N LEU A 8 -18.07 -0.98 -13.57
CA LEU A 8 -17.44 -2.15 -12.98
C LEU A 8 -17.68 -3.39 -13.83
N LYS A 9 -18.91 -3.57 -14.32
CA LYS A 9 -19.21 -4.67 -15.22
C LYS A 9 -18.46 -4.50 -16.53
N LEU A 10 -18.18 -3.25 -16.87
CA LEU A 10 -17.49 -2.93 -18.11
C LEU A 10 -16.01 -3.31 -18.03
N ILE A 11 -15.34 -2.93 -16.94
CA ILE A 11 -13.93 -3.26 -16.78
C ILE A 11 -13.75 -4.75 -16.53
N ALA A 12 -14.79 -5.37 -15.95
CA ALA A 12 -14.78 -6.82 -15.74
C ALA A 12 -14.74 -7.55 -17.07
N LEU A 13 -15.44 -7.01 -18.07
CA LEU A 13 -15.41 -7.59 -19.40
C LEU A 13 -14.11 -7.25 -20.13
N LEU A 14 -13.65 -6.01 -19.99
CA LEU A 14 -12.48 -5.53 -20.72
C LEU A 14 -11.16 -6.03 -20.14
N ALA A 15 -11.21 -6.59 -18.94
CA ALA A 15 -10.01 -6.99 -18.22
C ALA A 15 -9.17 -8.02 -18.97
N ASN A 16 -9.81 -8.84 -19.80
CA ASN A 16 -9.10 -9.90 -20.50
C ASN A 16 -8.22 -9.40 -21.65
N GLY A 17 -8.28 -8.10 -21.91
CA GLY A 17 -7.44 -7.48 -22.91
C GLY A 17 -7.95 -7.61 -24.34
N GLU A 18 -9.13 -8.18 -24.50
CA GLU A 18 -9.71 -8.39 -25.82
C GLU A 18 -10.60 -7.23 -26.24
N PHE A 19 -10.55 -6.93 -27.54
CA PHE A 19 -11.40 -5.90 -28.13
C PHE A 19 -12.86 -6.29 -28.04
N HIS A 20 -13.68 -5.37 -27.56
CA HIS A 20 -15.13 -5.51 -27.59
C HIS A 20 -15.74 -4.37 -28.41
N SER A 21 -16.72 -4.69 -29.25
CA SER A 21 -17.41 -3.66 -30.01
C SER A 21 -18.37 -2.92 -29.09
N GLY A 22 -18.68 -1.67 -29.45
CA GLY A 22 -19.64 -0.91 -28.68
C GLY A 22 -21.00 -1.60 -28.72
N GLU A 23 -21.30 -2.20 -29.87
CA GLU A 23 -22.57 -2.89 -30.09
C GLU A 23 -22.74 -4.12 -29.17
N GLN A 24 -21.69 -4.93 -29.05
CA GLN A 24 -21.78 -6.15 -28.25
C GLN A 24 -21.75 -5.82 -26.75
N LEU A 25 -21.00 -4.80 -26.38
CA LEU A 25 -20.99 -4.35 -24.98
C LEU A 25 -22.37 -3.85 -24.58
N GLY A 26 -23.03 -3.16 -25.49
CA GLY A 26 -24.38 -2.67 -25.26
C GLY A 26 -25.37 -3.81 -25.11
N GLU A 27 -25.30 -4.77 -26.02
CA GLU A 27 -26.15 -5.94 -25.97
C GLU A 27 -25.95 -6.70 -24.65
N THR A 28 -24.69 -6.98 -24.32
CA THR A 28 -24.36 -7.71 -23.10
C THR A 28 -24.87 -6.99 -21.86
N LEU A 29 -24.65 -5.68 -21.78
CA LEU A 29 -25.00 -4.93 -20.58
C LEU A 29 -26.42 -4.39 -20.61
N GLY A 30 -27.13 -4.63 -21.72
CA GLY A 30 -28.50 -4.16 -21.86
C GLY A 30 -28.58 -2.64 -21.90
N MET A 31 -27.72 -2.04 -22.70
CA MET A 31 -27.60 -0.58 -22.77
C MET A 31 -27.27 -0.12 -24.18
N SER A 32 -27.45 1.18 -24.41
CA SER A 32 -27.15 1.75 -25.71
C SER A 32 -25.65 1.96 -25.86
N ARG A 33 -25.22 2.17 -27.10
CA ARG A 33 -23.81 2.37 -27.39
C ARG A 33 -23.34 3.73 -26.88
N ALA A 34 -24.26 4.67 -26.77
CA ALA A 34 -23.96 5.98 -26.21
C ALA A 34 -23.63 5.87 -24.73
N ALA A 35 -24.45 5.10 -24.02
CA ALA A 35 -24.22 4.88 -22.60
C ALA A 35 -22.91 4.15 -22.36
N ILE A 36 -22.58 3.20 -23.23
CA ILE A 36 -21.32 2.47 -23.11
C ILE A 36 -20.17 3.45 -23.24
N ASN A 37 -20.24 4.33 -24.24
CA ASN A 37 -19.19 5.31 -24.49
C ASN A 37 -19.00 6.23 -23.29
N LYS A 38 -20.12 6.59 -22.66
CA LYS A 38 -20.10 7.39 -21.43
C LYS A 38 -19.33 6.68 -20.32
N HIS A 39 -19.68 5.42 -20.09
CA HIS A 39 -19.09 4.66 -18.99
C HIS A 39 -17.63 4.29 -19.23
N ILE A 40 -17.24 4.15 -20.50
CA ILE A 40 -15.83 3.96 -20.84
C ILE A 40 -15.03 5.14 -20.34
N GLN A 41 -15.60 6.33 -20.49
CA GLN A 41 -14.94 7.55 -20.06
C GLN A 41 -14.77 7.57 -18.54
N THR A 42 -15.75 7.03 -17.83
CA THR A 42 -15.66 6.90 -16.38
C THR A 42 -14.47 6.04 -15.98
N LEU A 43 -14.24 4.95 -16.71
CA LEU A 43 -13.10 4.09 -16.45
C LEU A 43 -11.79 4.87 -16.60
N ARG A 44 -11.74 5.77 -17.59
CA ARG A 44 -10.56 6.59 -17.79
C ARG A 44 -10.34 7.52 -16.60
N ASP A 45 -11.43 8.05 -16.05
CA ASP A 45 -11.35 8.90 -14.86
C ASP A 45 -10.79 8.14 -13.67
N TRP A 46 -11.00 6.82 -13.66
CA TRP A 46 -10.52 5.98 -12.57
C TRP A 46 -9.05 5.60 -12.76
N GLY A 47 -8.48 5.98 -13.90
CA GLY A 47 -7.07 5.73 -14.16
C GLY A 47 -6.82 4.54 -15.06
N VAL A 48 -7.89 3.95 -15.59
CA VAL A 48 -7.76 2.81 -16.49
C VAL A 48 -7.37 3.29 -17.87
N ASP A 49 -6.28 2.74 -18.40
CA ASP A 49 -5.86 3.03 -19.77
C ASP A 49 -6.75 2.26 -20.73
N VAL A 50 -7.61 3.00 -21.45
CA VAL A 50 -8.51 2.42 -22.42
C VAL A 50 -8.24 2.98 -23.81
N PHE A 51 -8.09 2.08 -24.78
CA PHE A 51 -7.87 2.48 -26.17
C PHE A 51 -9.17 2.35 -26.96
N THR A 52 -9.54 3.43 -27.64
CA THR A 52 -10.75 3.44 -28.46
C THR A 52 -10.39 3.13 -29.92
N VAL A 53 -11.11 2.17 -30.50
CA VAL A 53 -11.04 1.93 -31.94
C VAL A 53 -12.19 2.72 -32.58
N PRO A 54 -11.86 3.84 -33.26
CA PRO A 54 -12.90 4.76 -33.74
C PRO A 54 -14.00 4.08 -34.57
N GLY A 55 -15.25 4.23 -34.13
CA GLY A 55 -16.39 3.69 -34.84
C GLY A 55 -16.64 2.20 -34.58
N LYS A 56 -15.69 1.53 -33.95
CA LYS A 56 -15.73 0.07 -33.82
C LYS A 56 -15.95 -0.38 -32.37
N GLY A 57 -15.10 0.09 -31.46
CA GLY A 57 -15.22 -0.31 -30.07
C GLY A 57 -14.04 0.09 -29.19
N TYR A 58 -13.74 -0.76 -28.21
CA TYR A 58 -12.77 -0.43 -27.19
C TYR A 58 -11.89 -1.61 -26.82
N SER A 59 -10.74 -1.33 -26.23
CA SER A 59 -9.85 -2.38 -25.75
C SER A 59 -8.82 -1.81 -24.80
N LEU A 60 -8.48 -2.58 -23.78
CA LEU A 60 -7.31 -2.28 -22.98
C LEU A 60 -6.07 -2.60 -23.80
N PRO A 61 -4.98 -1.84 -23.62
CA PRO A 61 -3.76 -2.18 -24.35
C PRO A 61 -3.20 -3.53 -23.94
N GLU A 62 -3.36 -3.87 -22.66
CA GLU A 62 -2.98 -5.18 -22.14
C GLU A 62 -4.05 -5.73 -21.22
N PRO A 63 -4.09 -7.06 -21.04
CA PRO A 63 -4.96 -7.60 -20.00
C PRO A 63 -4.54 -7.09 -18.63
N ILE A 64 -5.50 -6.92 -17.73
CA ILE A 64 -5.18 -6.60 -16.35
C ILE A 64 -5.74 -7.69 -15.45
N GLN A 65 -4.98 -8.01 -14.41
CA GLN A 65 -5.39 -8.99 -13.42
C GLN A 65 -6.25 -8.32 -12.36
N LEU A 66 -7.53 -8.68 -12.31
CA LEU A 66 -8.43 -8.15 -11.31
C LEU A 66 -8.34 -8.97 -10.02
N LEU A 67 -8.58 -8.31 -8.89
CA LEU A 67 -8.57 -8.98 -7.60
C LEU A 67 -9.66 -10.05 -7.54
N ASN A 68 -9.26 -11.25 -7.17
CA ASN A 68 -10.17 -12.39 -7.02
C ASN A 68 -10.37 -12.70 -5.54
N ALA A 69 -11.54 -12.33 -5.03
CA ALA A 69 -11.84 -12.48 -3.61
C ALA A 69 -11.76 -13.94 -3.17
N LYS A 70 -12.36 -14.83 -3.96
CA LYS A 70 -12.41 -16.24 -3.62
C LYS A 70 -11.02 -16.86 -3.50
N GLN A 71 -10.12 -16.42 -4.37
CA GLN A 71 -8.76 -16.92 -4.37
C GLN A 71 -7.96 -16.36 -3.19
N ILE A 72 -8.20 -15.10 -2.87
CA ILE A 72 -7.51 -14.45 -1.75
C ILE A 72 -8.02 -15.00 -0.42
N LEU A 73 -9.33 -15.04 -0.23
CA LEU A 73 -9.93 -15.56 0.99
C LEU A 73 -9.56 -17.01 1.22
N GLY A 74 -9.63 -17.79 0.16
CA GLY A 74 -9.45 -19.23 0.22
C GLY A 74 -8.15 -19.69 0.85
N GLN A 75 -7.09 -18.91 0.69
CA GLN A 75 -5.77 -19.31 1.18
C GLN A 75 -5.39 -18.64 2.50
N LEU A 76 -6.35 -17.91 3.09
CA LEU A 76 -6.12 -17.22 4.36
C LEU A 76 -7.02 -17.78 5.46
N ASP A 77 -6.69 -17.45 6.70
CA ASP A 77 -7.51 -17.85 7.83
C ASP A 77 -7.23 -16.95 9.03
N GLY A 78 -8.24 -16.75 9.86
CA GLY A 78 -8.09 -15.94 11.06
C GLY A 78 -8.38 -14.46 10.83
N GLY A 79 -9.59 -14.19 10.33
CA GLY A 79 -10.04 -12.83 10.12
C GLY A 79 -10.81 -12.67 8.83
N SER A 80 -11.63 -11.62 8.75
CA SER A 80 -12.38 -11.31 7.53
C SER A 80 -11.51 -10.50 6.57
N VAL A 81 -11.76 -10.67 5.28
CA VAL A 81 -11.11 -9.87 4.26
C VAL A 81 -12.15 -9.41 3.26
N ALA A 82 -12.30 -8.09 3.12
CA ALA A 82 -13.26 -7.52 2.19
C ALA A 82 -12.55 -7.03 0.95
N VAL A 83 -13.04 -7.46 -0.21
CA VAL A 83 -12.51 -7.02 -1.50
C VAL A 83 -13.48 -6.02 -2.11
N LEU A 84 -13.03 -4.77 -2.26
CA LEU A 84 -13.90 -3.69 -2.71
C LEU A 84 -13.46 -3.15 -4.08
N PRO A 85 -14.36 -3.15 -5.06
CA PRO A 85 -13.98 -2.54 -6.35
C PRO A 85 -13.68 -1.04 -6.22
N VAL A 86 -14.62 -0.31 -5.63
CA VAL A 86 -14.49 1.14 -5.50
C VAL A 86 -14.74 1.56 -4.05
N ILE A 87 -13.79 2.30 -3.49
CA ILE A 87 -13.92 2.77 -2.13
C ILE A 87 -13.30 4.16 -2.02
N ASP A 88 -13.61 4.86 -0.94
CA ASP A 88 -12.97 6.16 -0.70
C ASP A 88 -11.56 5.96 -0.17
N SER A 89 -11.41 5.03 0.78
CA SER A 89 -10.11 4.72 1.35
C SER A 89 -10.22 3.43 2.16
N THR A 90 -9.31 2.50 1.93
CA THR A 90 -9.36 1.23 2.65
C THR A 90 -9.15 1.46 4.14
N ASN A 91 -8.37 2.48 4.48
CA ASN A 91 -8.22 2.85 5.88
C ASN A 91 -9.54 3.34 6.46
N GLN A 92 -10.24 4.18 5.70
CA GLN A 92 -11.49 4.75 6.16
C GLN A 92 -12.59 3.69 6.27
N TYR A 93 -12.60 2.75 5.34
CA TYR A 93 -13.57 1.66 5.35
C TYR A 93 -13.51 0.89 6.67
N LEU A 94 -12.30 0.63 7.14
CA LEU A 94 -12.11 -0.11 8.39
C LEU A 94 -12.41 0.78 9.59
N LEU A 95 -12.11 2.07 9.45
CA LEU A 95 -12.38 3.02 10.54
C LEU A 95 -13.88 3.19 10.77
N ASP A 96 -14.65 3.20 9.69
CA ASP A 96 -16.10 3.36 9.78
C ASP A 96 -16.75 2.25 10.60
N ARG A 97 -16.10 1.10 10.65
CA ARG A 97 -16.65 -0.08 11.31
C ARG A 97 -15.76 -0.55 12.45
N ILE A 98 -14.93 0.33 12.99
CA ILE A 98 -13.90 -0.06 13.94
C ILE A 98 -14.47 -0.73 15.20
N GLY A 99 -15.77 -0.67 15.37
CA GLY A 99 -16.43 -1.25 16.53
C GLY A 99 -16.76 -2.71 16.38
N GLU A 100 -16.91 -3.19 15.15
CA GLU A 100 -17.30 -4.57 14.89
C GLU A 100 -16.14 -5.42 14.39
N LEU A 101 -14.94 -4.84 14.34
CA LEU A 101 -13.78 -5.53 13.79
C LEU A 101 -13.00 -6.29 14.85
N LYS A 102 -12.37 -7.38 14.42
CA LYS A 102 -11.45 -8.16 15.25
C LYS A 102 -10.05 -8.04 14.66
N SER A 103 -9.04 -8.22 15.49
CA SER A 103 -7.65 -8.15 15.03
C SER A 103 -7.41 -9.09 13.84
N GLY A 104 -6.93 -8.51 12.75
CA GLY A 104 -6.62 -9.27 11.54
C GLY A 104 -7.57 -9.01 10.40
N ASP A 105 -8.74 -8.46 10.71
CA ASP A 105 -9.70 -8.09 9.66
C ASP A 105 -9.06 -7.12 8.69
N ALA A 106 -9.11 -7.45 7.40
CA ALA A 106 -8.43 -6.66 6.37
C ALA A 106 -9.39 -6.22 5.28
N CYS A 107 -8.89 -5.30 4.45
CA CYS A 107 -9.67 -4.75 3.36
C CYS A 107 -8.76 -4.46 2.18
N ILE A 108 -9.21 -4.82 0.97
CA ILE A 108 -8.45 -4.57 -0.23
C ILE A 108 -9.33 -3.90 -1.27
N ALA A 109 -8.79 -2.88 -1.93
CA ALA A 109 -9.52 -2.12 -2.94
C ALA A 109 -8.82 -2.14 -4.29
N GLU A 110 -9.61 -2.20 -5.36
CA GLU A 110 -9.09 -2.04 -6.72
C GLU A 110 -8.76 -0.58 -6.98
N TYR A 111 -9.51 0.32 -6.33
CA TYR A 111 -9.48 1.74 -6.64
C TYR A 111 -9.92 2.58 -5.45
N GLN A 112 -9.13 3.60 -5.10
CA GLN A 112 -9.48 4.54 -4.03
C GLN A 112 -9.75 5.93 -4.62
N GLN A 113 -10.93 6.46 -4.32
CA GLN A 113 -11.31 7.80 -4.79
C GLN A 113 -10.72 8.90 -3.91
N ALA A 114 -10.44 8.55 -2.66
CA ALA A 114 -9.89 9.50 -1.69
C ALA A 114 -8.76 8.85 -0.88
N GLY A 115 -7.85 8.16 -1.57
CA GLY A 115 -6.70 7.57 -0.92
C GLY A 115 -5.81 8.67 -0.39
N ARG A 116 -5.33 8.52 0.84
CA ARG A 116 -4.51 9.55 1.45
C ARG A 116 -3.15 9.02 1.89
N GLY A 117 -2.17 9.92 1.89
CA GLY A 117 -0.87 9.66 2.47
C GLY A 117 -0.85 10.16 3.89
N ARG A 118 0.32 10.58 4.35
CA ARG A 118 0.46 11.13 5.69
C ARG A 118 0.29 12.64 5.67
N ARG A 119 -0.10 13.20 6.82
CA ARG A 119 -0.27 14.64 6.98
C ARG A 119 -1.21 15.26 5.96
N GLY A 120 -2.28 14.55 5.62
CA GLY A 120 -3.33 15.09 4.78
C GLY A 120 -3.04 15.05 3.28
N ARG A 121 -1.89 14.51 2.91
CA ARG A 121 -1.55 14.36 1.50
C ARG A 121 -2.40 13.27 0.86
N LYS A 122 -2.35 13.19 -0.47
CA LYS A 122 -3.15 12.22 -1.22
C LYS A 122 -2.27 11.10 -1.76
N TRP A 123 -2.86 9.92 -1.87
CA TRP A 123 -2.20 8.78 -2.48
C TRP A 123 -2.92 8.41 -3.78
N PHE A 124 -2.29 8.70 -4.91
CA PHE A 124 -2.82 8.36 -6.22
C PHE A 124 -3.04 6.86 -6.32
N SER A 125 -4.30 6.46 -6.53
CA SER A 125 -4.70 5.07 -6.44
C SER A 125 -5.54 4.63 -7.62
N PRO A 126 -4.96 4.63 -8.83
CA PRO A 126 -5.71 4.27 -10.04
C PRO A 126 -6.23 2.83 -9.99
N PHE A 127 -7.31 2.57 -10.73
CA PHE A 127 -7.97 1.26 -10.72
C PHE A 127 -7.06 0.15 -11.22
N GLY A 128 -6.86 -0.86 -10.38
CA GLY A 128 -6.24 -2.12 -10.79
C GLY A 128 -4.74 -2.11 -10.95
N ALA A 129 -4.14 -0.93 -10.91
CA ALA A 129 -2.72 -0.79 -11.23
C ALA A 129 -1.81 -1.18 -10.06
N ASN A 130 -2.31 -1.03 -8.83
CA ASN A 130 -1.51 -1.22 -7.64
C ASN A 130 -2.25 -1.98 -6.55
N LEU A 131 -1.56 -2.22 -5.43
CA LEU A 131 -2.19 -2.85 -4.27
C LEU A 131 -2.51 -1.80 -3.21
N TYR A 132 -3.79 -1.69 -2.85
CA TYR A 132 -4.24 -0.84 -1.75
C TYR A 132 -4.88 -1.73 -0.68
N LEU A 133 -4.13 -1.93 0.40
CA LEU A 133 -4.51 -2.88 1.45
C LEU A 133 -4.55 -2.20 2.81
N SER A 134 -5.51 -2.62 3.62
CA SER A 134 -5.60 -2.15 5.00
C SER A 134 -5.95 -3.29 5.95
N MET A 135 -5.49 -3.19 7.19
CA MET A 135 -5.75 -4.20 8.21
C MET A 135 -6.02 -3.57 9.57
N PHE A 136 -7.06 -4.07 10.24
CA PHE A 136 -7.39 -3.64 11.59
C PHE A 136 -6.64 -4.48 12.63
N TRP A 137 -6.23 -3.85 13.72
CA TRP A 137 -5.64 -4.57 14.83
C TRP A 137 -5.93 -3.85 16.14
N ARG A 138 -6.15 -4.63 17.19
CA ARG A 138 -6.37 -4.10 18.53
C ARG A 138 -5.21 -4.47 19.45
N LEU A 139 -4.60 -3.46 20.05
CA LEU A 139 -3.55 -3.68 21.04
C LEU A 139 -4.11 -3.50 22.45
N GLU A 140 -3.98 -4.54 23.26
CA GLU A 140 -4.54 -4.55 24.60
C GLU A 140 -3.97 -3.43 25.48
N GLN A 141 -2.70 -3.11 25.28
CA GLN A 141 -2.09 -1.96 25.94
C GLN A 141 -1.64 -0.96 24.87
N ALA A 142 -2.30 0.19 24.86
CA ALA A 142 -2.09 1.20 23.83
C ALA A 142 -0.62 1.62 23.73
N PRO A 143 -0.09 1.72 22.50
CA PRO A 143 1.27 2.24 22.34
C PRO A 143 1.31 3.75 22.55
N ALA A 144 2.46 4.28 22.93
CA ALA A 144 2.63 5.72 23.12
C ALA A 144 2.94 6.42 21.79
N ALA A 145 3.29 5.63 20.78
CA ALA A 145 3.61 6.14 19.45
C ALA A 145 3.41 5.06 18.40
N ALA A 146 3.44 5.45 17.13
CA ALA A 146 3.16 4.54 16.02
C ALA A 146 4.44 4.03 15.36
N ILE A 147 5.59 4.35 15.94
CA ILE A 147 6.89 4.00 15.36
C ILE A 147 7.09 2.48 15.31
N GLY A 148 6.95 1.83 16.46
CA GLY A 148 7.15 0.39 16.54
C GLY A 148 6.32 -0.37 15.50
N LEU A 149 5.03 -0.09 15.48
CA LEU A 149 4.11 -0.72 14.54
C LEU A 149 4.53 -0.50 13.08
N SER A 150 4.87 0.74 12.75
CA SER A 150 5.28 1.09 11.39
C SER A 150 6.50 0.29 10.97
N LEU A 151 7.47 0.17 11.87
CA LEU A 151 8.68 -0.59 11.59
C LEU A 151 8.34 -2.05 11.32
N VAL A 152 7.42 -2.61 12.10
CA VAL A 152 7.03 -4.01 11.91
C VAL A 152 6.36 -4.19 10.55
N ILE A 153 5.46 -3.28 10.19
CA ILE A 153 4.78 -3.35 8.92
C ILE A 153 5.79 -3.25 7.77
N GLY A 154 6.68 -2.24 7.84
CA GLY A 154 7.67 -2.05 6.80
C GLY A 154 8.59 -3.25 6.64
N ILE A 155 9.05 -3.80 7.75
CA ILE A 155 9.90 -4.98 7.73
C ILE A 155 9.21 -6.12 7.00
N VAL A 156 8.00 -6.45 7.44
CA VAL A 156 7.27 -7.59 6.88
C VAL A 156 6.99 -7.43 5.39
N MET A 157 6.49 -6.27 4.99
CA MET A 157 6.15 -6.06 3.59
C MET A 157 7.40 -6.08 2.71
N ALA A 158 8.51 -5.56 3.22
CA ALA A 158 9.77 -5.59 2.50
C ALA A 158 10.23 -7.04 2.32
N GLU A 159 10.23 -7.79 3.42
CA GLU A 159 10.67 -9.18 3.41
C GLU A 159 9.82 -10.02 2.46
N VAL A 160 8.53 -9.73 2.41
CA VAL A 160 7.62 -10.44 1.53
C VAL A 160 7.97 -10.14 0.07
N LEU A 161 8.20 -8.87 -0.23
CA LEU A 161 8.55 -8.47 -1.59
C LEU A 161 9.90 -9.05 -1.99
N ARG A 162 10.84 -9.08 -1.05
CA ARG A 162 12.14 -9.67 -1.31
C ARG A 162 12.01 -11.16 -1.59
N LYS A 163 11.14 -11.82 -0.83
CA LYS A 163 10.88 -13.24 -1.02
C LYS A 163 10.32 -13.50 -2.42
N LEU A 164 9.61 -12.51 -2.96
CA LEU A 164 8.93 -12.66 -4.25
C LEU A 164 9.76 -12.21 -5.44
N GLY A 165 11.02 -11.84 -5.19
CA GLY A 165 11.95 -11.50 -6.26
C GLY A 165 12.48 -10.08 -6.22
N ALA A 166 11.81 -9.19 -5.49
CA ALA A 166 12.25 -7.79 -5.38
C ALA A 166 13.41 -7.66 -4.39
N ASP A 167 14.58 -8.10 -4.82
CA ASP A 167 15.73 -8.27 -3.94
C ASP A 167 16.22 -7.00 -3.25
N LYS A 168 16.11 -5.87 -3.95
CA LYS A 168 16.73 -4.63 -3.48
C LYS A 168 15.81 -3.72 -2.69
N VAL A 169 14.58 -4.15 -2.42
CA VAL A 169 13.66 -3.35 -1.61
C VAL A 169 14.20 -3.12 -0.21
N ARG A 170 14.20 -1.87 0.21
CA ARG A 170 14.65 -1.47 1.54
C ARG A 170 13.56 -0.63 2.22
N VAL A 171 13.70 -0.39 3.51
CA VAL A 171 12.73 0.41 4.26
C VAL A 171 13.28 1.78 4.62
N LYS A 172 12.43 2.80 4.49
CA LYS A 172 12.74 4.15 4.93
C LYS A 172 12.11 4.40 6.29
N TRP A 173 12.94 4.66 7.30
CA TRP A 173 12.45 4.81 8.68
C TRP A 173 11.39 5.91 8.77
N PRO A 174 10.23 5.64 9.28
CA PRO A 174 9.90 4.35 9.83
C PRO A 174 8.85 3.63 9.02
N ASN A 175 8.53 4.08 7.83
CA ASN A 175 7.29 3.73 7.22
C ASN A 175 7.10 3.84 5.71
N ASP A 176 8.14 3.70 4.92
CA ASP A 176 8.02 3.68 3.50
C ASP A 176 8.89 2.56 3.01
N LEU A 177 8.52 1.91 1.94
CA LEU A 177 9.46 1.02 1.27
C LEU A 177 10.11 1.76 0.10
N TYR A 178 11.43 1.70 0.03
CA TYR A 178 12.17 2.35 -1.05
C TYR A 178 12.89 1.34 -1.94
N LEU A 179 12.94 1.64 -3.23
CA LEU A 179 13.68 0.86 -4.19
C LEU A 179 14.50 1.80 -5.06
N GLN A 180 15.81 1.59 -5.09
CA GLN A 180 16.71 2.50 -5.80
C GLN A 180 16.52 3.93 -5.29
N ASP A 181 16.39 4.07 -3.97
CA ASP A 181 16.22 5.37 -3.31
C ASP A 181 14.98 6.13 -3.81
N ARG A 182 14.00 5.39 -4.31
CA ARG A 182 12.73 5.98 -4.74
C ARG A 182 11.55 5.30 -4.04
N LYS A 183 10.48 6.05 -3.81
CA LYS A 183 9.34 5.55 -3.04
C LYS A 183 8.55 4.50 -3.81
N LEU A 184 8.64 3.26 -3.32
CA LEU A 184 7.94 2.14 -3.92
C LEU A 184 6.56 1.94 -3.28
N ALA A 185 6.51 2.08 -1.95
CA ALA A 185 5.28 1.85 -1.21
C ALA A 185 5.19 2.75 0.01
N GLY A 186 3.96 3.15 0.35
CA GLY A 186 3.69 4.01 1.48
C GLY A 186 2.87 3.33 2.55
N ILE A 187 3.25 3.52 3.81
CA ILE A 187 2.55 2.96 4.95
C ILE A 187 1.95 4.08 5.80
N LEU A 188 0.65 3.94 6.09
CA LEU A 188 -0.06 4.87 6.95
C LEU A 188 -0.70 4.12 8.11
N VAL A 189 -0.20 4.38 9.31
CA VAL A 189 -0.76 3.81 10.54
C VAL A 189 -1.61 4.87 11.25
N GLU A 190 -2.89 4.56 11.48
CA GLU A 190 -3.80 5.48 12.14
C GLU A 190 -4.24 4.92 13.50
N LEU A 191 -3.90 5.65 14.56
CA LEU A 191 -4.24 5.25 15.92
C LEU A 191 -5.49 5.96 16.43
N THR A 192 -6.16 5.34 17.39
CA THR A 192 -7.24 5.98 18.14
C THR A 192 -6.83 6.19 19.60
N ASP A 197 -5.51 1.13 29.27
CA ASP A 197 -6.58 0.90 28.31
C ASP A 197 -5.98 0.44 26.98
N ALA A 198 -6.84 -0.08 26.10
CA ALA A 198 -6.40 -0.59 24.80
C ALA A 198 -6.43 0.50 23.73
N ALA A 199 -6.06 0.13 22.51
CA ALA A 199 -6.08 1.06 21.38
C ALA A 199 -6.42 0.31 20.11
N GLN A 200 -7.12 0.99 19.21
CA GLN A 200 -7.51 0.42 17.93
C GLN A 200 -6.64 1.02 16.82
N ILE A 201 -6.18 0.14 15.94
CA ILE A 201 -5.21 0.50 14.92
C ILE A 201 -5.70 0.08 13.55
N VAL A 202 -5.62 1.01 12.60
CA VAL A 202 -5.90 0.72 11.19
C VAL A 202 -4.63 0.97 10.39
N ILE A 203 -4.09 -0.12 9.86
CA ILE A 203 -2.85 -0.09 9.09
C ILE A 203 -3.19 -0.01 7.61
N GLY A 204 -2.47 0.87 6.89
CA GLY A 204 -2.69 1.08 5.48
C GLY A 204 -1.41 1.00 4.68
N ALA A 205 -1.42 0.18 3.63
CA ALA A 205 -0.26 -0.01 2.76
C ALA A 205 -0.64 0.17 1.30
N GLY A 206 0.08 1.05 0.61
CA GLY A 206 -0.07 1.24 -0.82
C GLY A 206 1.24 0.87 -1.50
N ILE A 207 1.20 -0.14 -2.36
CA ILE A 207 2.38 -0.62 -3.05
C ILE A 207 2.25 -0.42 -4.55
N ASN A 208 3.18 0.33 -5.14
CA ASN A 208 3.18 0.59 -6.57
C ASN A 208 3.65 -0.63 -7.38
N MET A 209 2.81 -1.10 -8.29
CA MET A 209 3.12 -2.31 -9.04
C MET A 209 3.31 -2.01 -10.53
N ALA A 210 2.26 -1.58 -11.20
CA ALA A 210 2.33 -1.33 -12.64
C ALA A 210 2.44 0.17 -12.93
N MET A 211 1.42 0.88 -12.48
CA MET A 211 1.24 2.33 -12.64
C MET A 211 2.06 2.92 -13.79
N GLY A 222 11.03 10.38 -8.48
CA GLY A 222 10.31 10.49 -7.23
C GLY A 222 9.78 9.15 -6.77
N TRP A 223 8.87 8.57 -7.55
CA TRP A 223 8.32 7.26 -7.22
CA TRP A 223 8.28 7.28 -7.26
C TRP A 223 8.94 6.19 -8.08
N ILE A 224 8.59 4.95 -7.79
CA ILE A 224 9.11 3.80 -8.48
C ILE A 224 8.05 2.71 -8.34
N THR A 225 7.91 1.89 -9.38
CA THR A 225 7.01 0.74 -9.36
C THR A 225 7.81 -0.55 -9.41
N LEU A 226 7.15 -1.67 -9.07
CA LEU A 226 7.79 -2.98 -9.14
C LEU A 226 8.09 -3.32 -10.60
N GLN A 227 7.20 -2.91 -11.49
CA GLN A 227 7.32 -3.22 -12.91
C GLN A 227 8.48 -2.45 -13.54
N GLU A 228 8.68 -1.21 -13.11
CA GLU A 228 9.78 -0.38 -13.60
C GLU A 228 11.14 -0.96 -13.23
N ALA A 229 11.14 -1.91 -12.30
CA ALA A 229 12.36 -2.61 -11.89
C ALA A 229 12.35 -4.06 -12.36
N GLY A 230 11.45 -4.36 -13.30
CA GLY A 230 11.39 -5.69 -13.88
C GLY A 230 10.78 -6.75 -12.98
N ILE A 231 10.03 -6.29 -11.98
CA ILE A 231 9.35 -7.19 -11.06
C ILE A 231 7.87 -7.24 -11.41
N ASN A 232 7.38 -8.41 -11.81
CA ASN A 232 5.98 -8.59 -12.16
C ASN A 232 5.32 -9.64 -11.27
N LEU A 233 4.64 -9.19 -10.23
CA LEU A 233 4.05 -10.09 -9.25
C LEU A 233 2.56 -10.28 -9.45
N ASP A 234 2.07 -11.44 -9.01
CA ASP A 234 0.65 -11.73 -8.99
C ASP A 234 0.00 -10.96 -7.84
N ARG A 235 -0.92 -10.06 -8.18
CA ARG A 235 -1.50 -9.14 -7.21
C ARG A 235 -2.32 -9.86 -6.14
N ASN A 236 -2.98 -10.95 -6.53
CA ASN A 236 -3.74 -11.78 -5.58
C ASN A 236 -2.81 -12.49 -4.61
N THR A 237 -1.74 -13.05 -5.15
CA THR A 237 -0.73 -13.74 -4.35
C THR A 237 -0.06 -12.79 -3.38
N LEU A 238 0.26 -11.60 -3.88
CA LEU A 238 0.89 -10.58 -3.05
C LEU A 238 -0.03 -10.15 -1.92
N ALA A 239 -1.30 -9.90 -2.25
CA ALA A 239 -2.28 -9.48 -1.25
C ALA A 239 -2.41 -10.52 -0.14
N ALA A 240 -2.56 -11.79 -0.52
CA ALA A 240 -2.71 -12.88 0.43
C ALA A 240 -1.48 -13.02 1.33
N MET A 241 -0.30 -12.99 0.74
CA MET A 241 0.94 -13.13 1.49
C MET A 241 1.10 -12.02 2.53
N LEU A 242 0.85 -10.78 2.11
CA LEU A 242 0.98 -9.64 3.01
C LEU A 242 0.01 -9.77 4.19
N ILE A 243 -1.25 -10.09 3.90
CA ILE A 243 -2.25 -10.28 4.93
C ILE A 243 -1.85 -11.42 5.87
N ARG A 244 -1.40 -12.53 5.28
CA ARG A 244 -1.00 -13.70 6.06
C ARG A 244 0.16 -13.38 7.01
N GLU A 245 1.21 -12.74 6.49
CA GLU A 245 2.39 -12.46 7.29
C GLU A 245 2.19 -11.31 8.27
N LEU A 246 1.35 -10.34 7.91
CA LEU A 246 1.10 -9.21 8.81
C LEU A 246 0.39 -9.66 10.08
N ARG A 247 -0.59 -10.56 9.93
CA ARG A 247 -1.35 -11.06 11.07
C ARG A 247 -0.43 -11.72 12.08
N ALA A 248 0.40 -12.64 11.61
CA ALA A 248 1.35 -13.35 12.47
C ALA A 248 2.38 -12.39 13.05
N ALA A 249 2.83 -11.43 12.25
CA ALA A 249 3.84 -10.48 12.69
C ALA A 249 3.32 -9.55 13.77
N LEU A 250 2.06 -9.15 13.63
CA LEU A 250 1.43 -8.27 14.61
C LEU A 250 1.16 -9.03 15.91
N GLU A 251 0.89 -10.33 15.80
CA GLU A 251 0.77 -11.17 16.99
C GLU A 251 2.11 -11.19 17.73
N LEU A 252 3.20 -11.30 16.98
CA LEU A 252 4.53 -11.36 17.58
C LEU A 252 4.88 -10.03 18.26
N PHE A 253 4.59 -8.94 17.57
CA PHE A 253 4.81 -7.60 18.13
C PHE A 253 3.96 -7.41 19.39
N GLU A 254 2.73 -7.87 19.32
CA GLU A 254 1.79 -7.86 20.45
C GLU A 254 2.39 -8.53 21.68
N GLN A 255 3.07 -9.65 21.46
CA GLN A 255 3.55 -10.49 22.56
C GLN A 255 4.92 -10.05 23.08
N GLU A 256 5.79 -9.61 22.18
CA GLU A 256 7.21 -9.41 22.52
C GLU A 256 7.74 -8.02 22.16
N GLY A 257 6.91 -7.19 21.55
CA GLY A 257 7.33 -5.84 21.19
C GLY A 257 8.23 -5.83 19.96
N LEU A 258 9.12 -4.83 19.92
CA LEU A 258 9.97 -4.59 18.75
C LEU A 258 11.26 -5.40 18.80
N ALA A 259 11.53 -6.02 19.94
CA ALA A 259 12.80 -6.71 20.17
C ALA A 259 13.14 -7.75 19.08
N PRO A 260 12.19 -8.64 18.76
CA PRO A 260 12.56 -9.67 17.77
C PRO A 260 12.65 -9.14 16.34
N TYR A 261 12.41 -7.84 16.15
CA TYR A 261 12.46 -7.22 14.82
C TYR A 261 13.73 -6.38 14.61
N LEU A 262 14.49 -6.15 15.69
CA LEU A 262 15.62 -5.22 15.64
C LEU A 262 16.70 -5.63 14.64
N SER A 263 17.12 -6.90 14.68
CA SER A 263 18.15 -7.36 13.75
C SER A 263 17.59 -7.40 12.32
N ARG A 264 16.33 -7.82 12.19
CA ARG A 264 15.67 -7.87 10.89
C ARG A 264 15.58 -6.48 10.27
N TRP A 265 15.52 -5.46 11.12
CA TRP A 265 15.47 -4.08 10.65
C TRP A 265 16.79 -3.65 10.00
N GLU A 266 17.89 -4.06 10.63
CA GLU A 266 19.23 -3.66 10.20
C GLU A 266 19.50 -4.07 8.76
N LYS A 267 18.98 -5.21 8.35
CA LYS A 267 19.23 -5.73 7.01
C LYS A 267 18.49 -4.92 5.95
N LEU A 268 17.45 -4.20 6.37
CA LEU A 268 16.58 -3.47 5.46
C LEU A 268 16.76 -1.95 5.60
N ASP A 269 17.52 -1.52 6.60
CA ASP A 269 17.69 -0.09 6.84
C ASP A 269 18.32 0.60 5.63
N ASN A 270 17.52 1.41 4.94
CA ASN A 270 17.94 2.04 3.70
C ASN A 270 18.85 3.26 3.89
N PHE A 271 18.84 3.85 5.08
CA PHE A 271 19.58 5.08 5.31
C PHE A 271 20.65 4.99 6.40
N ILE A 272 20.93 3.79 6.88
CA ILE A 272 21.93 3.64 7.94
C ILE A 272 23.31 4.06 7.43
N ASN A 273 24.00 4.85 8.24
CA ASN A 273 25.31 5.38 7.89
C ASN A 273 25.30 6.26 6.64
N ARG A 274 24.15 6.89 6.37
CA ARG A 274 24.04 7.80 5.23
C ARG A 274 23.69 9.20 5.70
N PRO A 275 24.14 10.23 4.95
CA PRO A 275 23.77 11.62 5.27
C PRO A 275 22.29 11.87 4.98
N VAL A 276 21.52 12.16 6.02
CA VAL A 276 20.08 12.37 5.88
C VAL A 276 19.63 13.72 6.42
N LYS A 277 18.41 14.09 6.04
CA LYS A 277 17.76 15.31 6.53
C LYS A 277 16.46 14.90 7.22
N LEU A 278 16.20 15.51 8.39
CA LEU A 278 14.99 15.20 9.15
C LEU A 278 14.11 16.43 9.31
N ILE A 279 12.93 16.40 8.69
CA ILE A 279 11.95 17.46 8.88
C ILE A 279 11.09 17.14 10.09
N ILE A 280 11.31 17.91 11.16
CA ILE A 280 10.57 17.75 12.40
C ILE A 280 9.83 19.06 12.69
N GLY A 281 8.51 18.99 12.83
CA GLY A 281 7.68 20.18 12.88
C GLY A 281 7.94 21.02 11.65
N ASP A 282 8.38 22.26 11.83
CA ASP A 282 8.85 23.10 10.73
C ASP A 282 10.33 23.44 10.90
N LYS A 283 11.05 22.57 11.60
CA LYS A 283 12.50 22.64 11.68
C LYS A 283 13.11 21.59 10.75
N GLU A 284 14.26 21.91 10.19
CA GLU A 284 14.97 21.00 9.29
C GLU A 284 16.40 20.82 9.75
N ILE A 285 16.71 19.63 10.24
CA ILE A 285 18.03 19.33 10.80
C ILE A 285 18.79 18.32 9.94
N PHE A 286 20.13 18.41 9.98
CA PHE A 286 21.01 17.53 9.23
C PHE A 286 21.77 16.59 10.15
N GLY A 287 22.10 15.41 9.64
CA GLY A 287 22.89 14.45 10.39
C GLY A 287 23.11 13.17 9.63
N ILE A 288 23.75 12.21 10.29
CA ILE A 288 23.96 10.86 9.74
C ILE A 288 23.20 9.86 10.59
N SER A 289 22.48 8.97 9.93
CA SER A 289 21.72 7.95 10.64
C SER A 289 22.61 6.82 11.12
N ARG A 290 22.39 6.38 12.36
CA ARG A 290 23.10 5.26 12.93
C ARG A 290 22.12 4.12 13.25
N GLY A 291 21.00 4.13 12.54
CA GLY A 291 19.98 3.11 12.71
C GLY A 291 18.96 3.51 13.77
N ILE A 292 18.53 2.51 14.55
CA ILE A 292 17.52 2.70 15.59
C ILE A 292 17.99 2.08 16.90
N ASP A 293 17.41 2.54 18.00
CA ASP A 293 17.61 1.89 19.29
C ASP A 293 16.52 0.84 19.50
N LYS A 294 16.46 0.27 20.69
CA LYS A 294 15.55 -0.82 20.97
C LYS A 294 14.09 -0.39 20.99
N GLN A 295 13.84 0.91 21.06
CA GLN A 295 12.48 1.46 21.02
C GLN A 295 12.08 1.88 19.61
N GLY A 296 12.99 1.75 18.66
CA GLY A 296 12.71 2.10 17.27
C GLY A 296 12.92 3.57 16.96
N ALA A 297 13.45 4.31 17.93
CA ALA A 297 13.76 5.71 17.71
C ALA A 297 14.94 5.84 16.76
N LEU A 298 14.85 6.78 15.84
CA LEU A 298 15.96 7.08 14.94
C LEU A 298 17.14 7.62 15.73
N LEU A 299 18.30 6.98 15.56
CA LEU A 299 19.54 7.47 16.15
C LEU A 299 20.25 8.36 15.14
N LEU A 300 20.12 9.67 15.33
CA LEU A 300 20.69 10.64 14.43
C LEU A 300 21.94 11.24 15.06
N GLU A 301 23.08 11.13 14.35
CA GLU A 301 24.33 11.69 14.83
C GLU A 301 24.49 13.13 14.34
N GLN A 302 24.42 14.08 15.27
CA GLN A 302 24.67 15.48 14.98
C GLN A 302 25.95 15.96 15.67
N ASP A 303 26.90 16.45 14.87
CA ASP A 303 28.15 16.98 15.39
C ASP A 303 28.86 15.98 16.31
N GLY A 304 28.85 14.71 15.92
CA GLY A 304 29.53 13.67 16.65
C GLY A 304 28.70 13.06 17.78
N ILE A 305 27.54 13.64 18.05
CA ILE A 305 26.69 13.22 19.15
C ILE A 305 25.38 12.61 18.64
N ILE A 306 25.05 11.42 19.14
CA ILE A 306 23.85 10.69 18.74
C ILE A 306 22.66 11.03 19.63
N LYS A 307 21.54 11.37 19.01
CA LYS A 307 20.29 11.63 19.73
C LYS A 307 19.16 10.77 19.17
N PRO A 308 18.29 10.24 20.05
CA PRO A 308 17.12 9.50 19.57
C PRO A 308 15.99 10.42 19.11
N TRP A 309 15.24 9.98 18.10
CA TRP A 309 14.07 10.71 17.61
C TRP A 309 12.90 9.76 17.41
N MET A 310 11.73 10.16 17.90
CA MET A 310 10.51 9.36 17.74
C MET A 310 9.53 10.02 16.77
N GLY A 311 10.05 10.91 15.91
CA GLY A 311 9.22 11.59 14.93
C GLY A 311 10.06 12.22 13.84
N GLY A 312 9.38 12.80 12.86
CA GLY A 312 10.03 13.52 11.77
C GLY A 312 10.04 12.73 10.47
N GLU A 313 10.20 13.45 9.36
CA GLU A 313 10.27 12.83 8.04
C GLU A 313 11.71 12.81 7.55
N ILE A 314 12.23 11.62 7.31
CA ILE A 314 13.62 11.43 6.91
C ILE A 314 13.72 11.38 5.38
N SER A 315 14.81 11.90 4.84
CA SER A 315 15.05 11.87 3.41
C SER A 315 16.53 12.08 3.12
N LEU A 316 16.96 11.63 1.95
CA LEU A 316 18.35 11.71 1.56
C LEU A 316 18.78 13.17 1.41
N ARG A 317 20.02 13.44 1.75
CA ARG A 317 20.58 14.79 1.66
C ARG A 317 21.78 14.80 0.71
N SER A 318 21.54 15.22 -0.53
CA SER A 318 22.59 15.24 -1.54
C SER A 318 22.20 16.08 -2.75
N ALA A 319 23.16 16.86 -3.25
CA ALA A 319 22.97 17.68 -4.44
C ALA A 319 23.49 16.96 -5.68
N GLU A 320 23.68 15.65 -5.57
CA GLU A 320 24.21 14.84 -6.66
C GLU A 320 23.33 14.93 -7.90
#